data_4AMQ
#
_entry.id   4AMQ
#
_cell.length_a   60.445
_cell.length_b   91.092
_cell.length_c   152.994
_cell.angle_alpha   90.00
_cell.angle_beta   90.00
_cell.angle_gamma   90.00
#
_symmetry.space_group_name_H-M   'C 2 2 21'
#
loop_
_entity.id
_entity.type
_entity.pdbx_description
1 polymer L544
2 non-polymer 'MANGANESE (II) ION'
3 non-polymer 'MAGNESIUM ION'
4 water water
#
_entity_poly.entity_id   1
_entity_poly.type   'polypeptide(L)'
_entity_poly.pdbx_seq_one_letter_code
;SYYHHHHHHLESTSLYKKAGLRMLIFTYKLERYIKNKILPKILVVPDRDKYQIKGSFRRRIPYITDIDIVNNVHPEYDDT
NIYQRIVDLINSFTNDNQIKLIYVICGTDDRFLLTEYSDEEIEKIKILLNPTELVELNNVLSKYQDDLNKKVFYINEIIW
DLYKLRWTSSEVLAGKKILRGGIEVSFQDVVKNNSILLLQYFVKIEYYPIGFDIAVRYKPINLITAYQNAAFYQLKLANY
SKEYYFMLFPLRFYFKNDPTISKQLEYIIETKFGLYKQLLVRIDSYRTIYESGNLDLDTAKSIIISIIKDIRKLNGIDMN
IIDKIQEVSNNSAGQDKIIAWNTLLTQLYTNINKSVNKQSKKYFTRYINIIPKEDRKLCCLEEEHVLQSGGINFESTNFL
TKKKLIY
;
_entity_poly.pdbx_strand_id   A
#
loop_
_chem_comp.id
_chem_comp.type
_chem_comp.name
_chem_comp.formula
MG non-polymer 'MAGNESIUM ION' 'Mg 2'
MN non-polymer 'MANGANESE (II) ION' 'Mn 2'
#
# COMPACT_ATOMS: atom_id res chain seq x y z
N ARG A 22 21.28 -2.38 10.30
CA ARG A 22 20.04 -2.88 10.91
C ARG A 22 18.85 -2.58 10.01
N MET A 23 18.58 -1.29 9.81
CA MET A 23 17.48 -0.85 8.96
C MET A 23 17.49 -1.54 7.61
N LEU A 24 16.32 -1.61 6.97
CA LEU A 24 16.23 -2.16 5.62
C LEU A 24 16.59 -1.10 4.58
N ILE A 25 17.84 -1.12 4.15
CA ILE A 25 18.34 -0.16 3.17
C ILE A 25 18.65 -0.89 1.88
N PHE A 26 18.56 -0.20 0.75
CA PHE A 26 18.87 -0.84 -0.52
C PHE A 26 20.36 -1.17 -0.65
N THR A 27 20.65 -2.39 -1.06
CA THR A 27 22.00 -2.80 -1.47
C THR A 27 21.83 -3.80 -2.61
N TYR A 28 22.89 -4.03 -3.38
CA TYR A 28 22.82 -4.98 -4.47
C TYR A 28 22.81 -6.42 -3.96
N LYS A 29 23.35 -6.62 -2.77
CA LYS A 29 23.27 -7.92 -2.10
C LYS A 29 21.81 -8.22 -1.81
N LEU A 30 21.07 -7.21 -1.36
CA LEU A 30 19.66 -7.35 -1.07
C LEU A 30 18.83 -7.56 -2.35
N GLU A 31 19.09 -6.76 -3.37
CA GLU A 31 18.40 -6.90 -4.65
C GLU A 31 18.57 -8.30 -5.22
N ARG A 32 19.81 -8.79 -5.19
CA ARG A 32 20.12 -10.13 -5.70
C ARG A 32 19.36 -11.18 -4.89
N TYR A 33 19.35 -11.02 -3.57
CA TYR A 33 18.61 -11.93 -2.71
C TYR A 33 17.13 -11.94 -3.08
N ILE A 34 16.57 -10.75 -3.31
CA ILE A 34 15.17 -10.62 -3.69
C ILE A 34 14.91 -11.31 -5.04
N LYS A 35 15.74 -10.99 -6.03
CA LYS A 35 15.57 -11.56 -7.37
C LYS A 35 15.86 -13.06 -7.41
N ASN A 36 16.82 -13.52 -6.62
CA ASN A 36 17.21 -14.93 -6.65
C ASN A 36 16.42 -15.84 -5.72
N LYS A 37 16.10 -15.35 -4.53
CA LYS A 37 15.50 -16.19 -3.50
C LYS A 37 14.00 -15.96 -3.31
N ILE A 38 13.54 -14.73 -3.54
CA ILE A 38 12.14 -14.39 -3.32
C ILE A 38 11.29 -14.51 -4.58
N LEU A 39 11.61 -13.70 -5.59
CA LEU A 39 10.80 -13.63 -6.80
C LEU A 39 10.50 -14.98 -7.49
N PRO A 40 11.51 -15.86 -7.59
CA PRO A 40 11.23 -17.14 -8.25
C PRO A 40 10.16 -17.93 -7.52
N LYS A 41 9.91 -17.55 -6.27
CA LYS A 41 8.96 -18.28 -5.44
C LYS A 41 7.55 -17.69 -5.52
N ILE A 42 7.46 -16.38 -5.70
CA ILE A 42 6.16 -15.70 -5.64
C ILE A 42 5.60 -15.30 -7.00
N LEU A 43 6.44 -15.28 -8.02
CA LEU A 43 5.99 -14.92 -9.37
C LEU A 43 5.20 -16.06 -10.03
N VAL A 44 4.21 -15.70 -10.84
CA VAL A 44 3.47 -16.70 -11.60
C VAL A 44 4.35 -17.30 -12.69
N VAL A 45 5.10 -16.44 -13.38
CA VAL A 45 6.15 -16.89 -14.30
C VAL A 45 7.46 -16.23 -13.89
N PRO A 46 8.42 -17.02 -13.42
CA PRO A 46 9.68 -16.56 -12.83
C PRO A 46 10.68 -15.99 -13.86
N ASP A 47 10.55 -16.38 -15.11
CA ASP A 47 11.49 -15.97 -16.14
C ASP A 47 11.71 -14.45 -16.13
N ARG A 48 12.98 -14.05 -16.05
CA ARG A 48 13.33 -12.63 -15.95
C ARG A 48 12.74 -11.78 -17.06
N ASP A 49 12.64 -12.34 -18.26
CA ASP A 49 12.12 -11.61 -19.40
C ASP A 49 10.60 -11.44 -19.35
N LYS A 50 9.96 -12.11 -18.41
CA LYS A 50 8.51 -12.06 -18.29
C LYS A 50 8.01 -11.20 -17.11
N TYR A 51 8.92 -10.50 -16.44
CA TYR A 51 8.52 -9.60 -15.37
C TYR A 51 9.31 -8.30 -15.36
N GLN A 52 8.66 -7.22 -14.94
CA GLN A 52 9.32 -5.93 -14.86
C GLN A 52 9.11 -5.29 -13.48
N ILE A 53 10.20 -4.82 -12.90
CA ILE A 53 10.14 -4.11 -11.62
C ILE A 53 9.72 -2.67 -11.85
N LYS A 54 8.71 -2.22 -11.11
CA LYS A 54 8.20 -0.86 -11.24
C LYS A 54 8.39 -0.07 -9.96
N GLY A 55 8.02 1.21 -10.00
CA GLY A 55 7.94 2.03 -8.81
C GLY A 55 9.24 2.32 -8.11
N SER A 56 9.17 2.44 -6.79
CA SER A 56 10.30 2.88 -5.98
C SER A 56 11.47 1.90 -5.96
N PHE A 57 11.18 0.62 -6.05
CA PHE A 57 12.25 -0.39 -6.05
C PHE A 57 13.06 -0.34 -7.34
N ARG A 58 12.39 -0.08 -8.47
CA ARG A 58 13.08 0.11 -9.74
C ARG A 58 14.05 1.28 -9.65
N ARG A 59 13.67 2.30 -8.90
CA ARG A 59 14.53 3.46 -8.68
C ARG A 59 15.55 3.20 -7.57
N ARG A 60 15.44 2.04 -6.93
CA ARG A 60 16.38 1.64 -5.90
C ARG A 60 16.52 2.68 -4.79
N ILE A 61 15.40 3.21 -4.32
CA ILE A 61 15.43 4.19 -3.23
C ILE A 61 16.09 3.59 -1.99
N PRO A 62 16.86 4.41 -1.26
CA PRO A 62 17.65 3.91 -0.13
C PRO A 62 16.79 3.29 0.97
N TYR A 63 15.65 3.89 1.29
CA TYR A 63 14.78 3.37 2.33
C TYR A 63 13.65 2.55 1.75
N ILE A 64 13.95 1.30 1.43
CA ILE A 64 12.98 0.42 0.77
C ILE A 64 11.61 0.43 1.47
N THR A 65 10.56 0.59 0.67
CA THR A 65 9.19 0.60 1.20
C THR A 65 8.46 -0.68 0.80
N ASP A 66 8.36 -0.90 -0.51
CA ASP A 66 7.72 -2.11 -1.02
C ASP A 66 8.25 -2.45 -2.41
N ILE A 67 7.81 -3.57 -2.95
CA ILE A 67 8.19 -3.96 -4.31
C ILE A 67 6.96 -4.13 -5.19
N ASP A 68 6.95 -3.42 -6.32
CA ASP A 68 5.88 -3.50 -7.30
C ASP A 68 6.40 -4.19 -8.56
N ILE A 69 5.68 -5.21 -9.02
CA ILE A 69 6.11 -5.94 -10.20
C ILE A 69 4.95 -6.26 -11.15
N VAL A 70 5.21 -6.12 -12.44
CA VAL A 70 4.27 -6.57 -13.46
C VAL A 70 4.76 -7.92 -14.02
N ASN A 71 3.91 -8.93 -13.95
CA ASN A 71 4.23 -10.24 -14.49
C ASN A 71 3.37 -10.48 -15.73
N ASN A 72 4.00 -10.52 -16.90
CA ASN A 72 3.29 -10.78 -18.15
C ASN A 72 3.37 -12.27 -18.48
N VAL A 73 2.27 -12.99 -18.24
CA VAL A 73 2.31 -14.44 -18.24
C VAL A 73 1.66 -15.13 -19.45
N HIS A 74 0.98 -14.35 -20.29
CA HIS A 74 0.42 -14.89 -21.53
C HIS A 74 1.53 -14.97 -22.57
N PRO A 75 1.53 -16.03 -23.39
CA PRO A 75 0.52 -17.09 -23.45
C PRO A 75 0.80 -18.25 -22.49
N GLU A 76 1.97 -18.22 -21.84
CA GLU A 76 2.34 -19.26 -20.89
C GLU A 76 1.17 -19.60 -19.98
N TYR A 77 0.49 -18.57 -19.49
CA TYR A 77 -0.73 -18.75 -18.69
C TYR A 77 -1.88 -17.91 -19.24
N ASP A 78 -3.08 -18.46 -19.18
CA ASP A 78 -4.27 -17.74 -19.64
C ASP A 78 -5.51 -18.08 -18.81
N ASP A 79 -6.67 -17.71 -19.33
CA ASP A 79 -7.96 -17.94 -18.66
C ASP A 79 -8.11 -19.37 -18.12
N THR A 80 -7.66 -20.34 -18.90
CA THR A 80 -8.01 -21.73 -18.65
C THR A 80 -7.14 -22.43 -17.60
N ASN A 81 -6.02 -21.81 -17.23
CA ASN A 81 -5.09 -22.46 -16.30
C ASN A 81 -4.46 -21.54 -15.25
N ILE A 82 -4.85 -20.27 -15.26
CA ILE A 82 -4.27 -19.31 -14.32
C ILE A 82 -4.72 -19.58 -12.89
N TYR A 83 -5.95 -20.07 -12.75
CA TYR A 83 -6.50 -20.36 -11.43
C TYR A 83 -5.68 -21.44 -10.73
N GLN A 84 -5.44 -22.54 -11.44
CA GLN A 84 -4.72 -23.67 -10.86
C GLN A 84 -3.28 -23.30 -10.48
N ARG A 85 -2.69 -22.38 -11.23
CA ARG A 85 -1.34 -21.90 -10.91
C ARG A 85 -1.33 -21.04 -9.65
N ILE A 86 -2.43 -20.33 -9.41
CA ILE A 86 -2.55 -19.53 -8.19
C ILE A 86 -2.76 -20.45 -6.99
N VAL A 87 -3.52 -21.53 -7.21
CA VAL A 87 -3.72 -22.54 -6.19
C VAL A 87 -2.38 -23.17 -5.82
N ASP A 88 -1.57 -23.47 -6.84
CA ASP A 88 -0.24 -24.03 -6.60
C ASP A 88 0.62 -23.08 -5.78
N LEU A 89 0.60 -21.81 -6.13
CA LEU A 89 1.35 -20.80 -5.38
C LEU A 89 0.89 -20.78 -3.92
N ILE A 90 -0.41 -20.71 -3.71
CA ILE A 90 -0.96 -20.67 -2.36
C ILE A 90 -0.51 -21.86 -1.53
N ASN A 91 -0.65 -23.07 -2.08
CA ASN A 91 -0.27 -24.28 -1.36
C ASN A 91 1.23 -24.35 -1.03
N SER A 92 2.06 -23.79 -1.90
CA SER A 92 3.50 -23.81 -1.69
C SER A 92 3.91 -22.89 -0.56
N PHE A 93 2.98 -22.07 -0.08
CA PHE A 93 3.29 -21.09 0.96
C PHE A 93 2.77 -21.50 2.33
N THR A 94 1.92 -22.53 2.37
CA THR A 94 1.26 -22.90 3.61
C THR A 94 2.23 -23.17 4.77
N ASN A 95 3.38 -23.74 4.45
CA ASN A 95 4.40 -24.02 5.45
C ASN A 95 5.63 -23.12 5.31
N ASP A 96 5.43 -21.95 4.73
CA ASP A 96 6.52 -20.99 4.56
C ASP A 96 6.25 -19.75 5.40
N ASN A 97 6.92 -19.64 6.54
CA ASN A 97 6.65 -18.54 7.46
C ASN A 97 7.11 -17.18 6.95
N GLN A 98 7.95 -17.19 5.93
CA GLN A 98 8.51 -15.95 5.39
C GLN A 98 7.56 -15.25 4.42
N ILE A 99 6.71 -16.03 3.75
CA ILE A 99 5.87 -15.50 2.70
C ILE A 99 4.38 -15.74 2.94
N LYS A 100 3.59 -14.69 2.90
CA LYS A 100 2.15 -14.84 3.01
C LYS A 100 1.47 -14.11 1.87
N LEU A 101 0.60 -14.81 1.15
CA LEU A 101 -0.25 -14.17 0.16
C LEU A 101 -1.53 -13.71 0.83
N ILE A 102 -1.62 -12.41 1.10
CA ILE A 102 -2.76 -11.84 1.82
C ILE A 102 -4.02 -11.73 0.97
N TYR A 103 -3.89 -11.10 -0.19
CA TYR A 103 -5.04 -10.93 -1.08
C TYR A 103 -4.71 -11.26 -2.52
N VAL A 104 -5.68 -11.86 -3.19
CA VAL A 104 -5.67 -11.92 -4.65
C VAL A 104 -6.79 -11.01 -5.13
N ILE A 105 -6.42 -9.93 -5.80
CA ILE A 105 -7.40 -8.94 -6.23
C ILE A 105 -7.77 -9.15 -7.69
N CYS A 106 -9.02 -9.54 -7.92
CA CYS A 106 -9.51 -9.78 -9.26
C CYS A 106 -11.03 -9.68 -9.27
N GLY A 107 -11.57 -8.79 -10.08
CA GLY A 107 -13.00 -8.64 -10.19
C GLY A 107 -13.53 -7.37 -9.55
N THR A 108 -14.78 -7.03 -9.86
CA THR A 108 -15.43 -5.87 -9.26
C THR A 108 -16.88 -6.17 -8.88
N ASP A 109 -17.37 -5.43 -7.89
CA ASP A 109 -18.77 -5.53 -7.47
C ASP A 109 -19.47 -4.25 -7.92
N ASP A 110 -20.06 -4.30 -9.11
CA ASP A 110 -20.59 -3.10 -9.77
C ASP A 110 -21.72 -2.39 -9.02
N ARG A 111 -22.24 -3.03 -7.97
CA ARG A 111 -23.26 -2.41 -7.14
C ARG A 111 -22.65 -1.22 -6.39
N PHE A 112 -21.34 -1.21 -6.29
CA PHE A 112 -20.61 -0.11 -5.67
C PHE A 112 -20.00 0.79 -6.74
N LEU A 113 -20.37 0.54 -7.99
CA LEU A 113 -19.95 1.40 -9.10
C LEU A 113 -20.87 2.61 -9.18
N LEU A 114 -20.58 3.63 -8.39
CA LEU A 114 -21.42 4.82 -8.32
C LEU A 114 -21.29 5.68 -9.56
N THR A 115 -22.26 6.55 -9.76
CA THR A 115 -22.18 7.58 -10.79
C THR A 115 -22.07 8.93 -10.07
N GLU A 116 -21.78 8.87 -8.77
CA GLU A 116 -21.51 10.06 -7.96
C GLU A 116 -22.67 11.06 -7.97
N TYR A 117 -23.86 10.57 -8.28
CA TYR A 117 -25.05 11.42 -8.26
C TYR A 117 -25.70 11.40 -6.88
N SER A 118 -26.28 12.52 -6.49
CA SER A 118 -26.92 12.64 -5.18
C SER A 118 -27.85 11.48 -4.92
N ASP A 119 -28.36 10.86 -5.99
CA ASP A 119 -29.31 9.75 -5.86
C ASP A 119 -28.63 8.38 -5.99
N GLU A 120 -27.45 8.35 -6.57
CA GLU A 120 -26.67 7.11 -6.67
C GLU A 120 -26.37 6.58 -5.28
N GLU A 121 -25.63 7.37 -4.51
CA GLU A 121 -25.26 7.06 -3.13
C GLU A 121 -26.37 6.30 -2.37
N ILE A 122 -27.55 6.90 -2.30
CA ILE A 122 -28.66 6.33 -1.54
C ILE A 122 -28.86 4.85 -1.82
N GLU A 123 -28.78 4.46 -3.09
CA GLU A 123 -29.08 3.09 -3.49
C GLU A 123 -28.03 2.09 -3.06
N LYS A 124 -27.04 2.52 -2.29
CA LYS A 124 -25.97 1.63 -1.83
C LYS A 124 -25.91 1.54 -0.31
N ILE A 125 -26.49 2.52 0.38
CA ILE A 125 -26.48 2.53 1.83
C ILE A 125 -26.95 1.20 2.41
N LYS A 126 -27.89 0.56 1.74
CA LYS A 126 -28.47 -0.69 2.21
C LYS A 126 -27.41 -1.77 2.38
N ILE A 127 -26.32 -1.65 1.64
CA ILE A 127 -25.24 -2.63 1.71
C ILE A 127 -24.02 -2.15 2.49
N LEU A 128 -24.08 -0.92 3.01
CA LEU A 128 -23.07 -0.44 3.92
C LEU A 128 -23.48 -0.66 5.38
N LEU A 129 -22.49 -0.71 6.27
CA LEU A 129 -22.75 -0.78 7.71
C LEU A 129 -22.69 0.63 8.33
N ASN A 130 -21.54 1.27 8.18
CA ASN A 130 -21.30 2.61 8.71
C ASN A 130 -21.29 3.70 7.63
N PRO A 131 -22.45 4.31 7.38
CA PRO A 131 -22.55 5.46 6.47
C PRO A 131 -22.59 6.77 7.26
N THR A 132 -22.23 6.73 8.52
CA THR A 132 -22.05 7.95 9.29
C THR A 132 -20.81 8.62 8.75
N GLU A 133 -19.72 7.87 8.74
CA GLU A 133 -18.46 8.30 8.13
C GLU A 133 -18.76 8.85 6.75
N LEU A 134 -19.66 8.16 6.04
CA LEU A 134 -20.07 8.56 4.70
C LEU A 134 -20.77 9.92 4.70
N VAL A 135 -21.78 10.06 5.55
CA VAL A 135 -22.52 11.30 5.65
C VAL A 135 -21.70 12.36 6.39
N GLU A 136 -20.69 11.91 7.14
CA GLU A 136 -19.81 12.83 7.85
C GLU A 136 -18.74 13.40 6.93
N LEU A 137 -18.90 13.15 5.64
CA LEU A 137 -18.00 13.70 4.63
C LEU A 137 -18.74 14.00 3.32
N ASN A 138 -20.06 13.80 3.34
CA ASN A 138 -20.92 14.30 2.29
C ASN A 138 -21.08 15.79 2.52
N ASN A 139 -19.96 16.52 2.52
CA ASN A 139 -19.96 17.89 3.04
C ASN A 139 -18.67 18.69 2.76
N VAL A 140 -18.43 19.03 1.50
CA VAL A 140 -19.38 18.80 0.43
C VAL A 140 -18.67 18.23 -0.79
N ASN A 149 -17.57 18.60 -4.33
CA ASN A 149 -17.46 18.01 -5.66
C ASN A 149 -16.18 17.20 -5.85
N LYS A 150 -15.14 17.54 -5.10
CA LYS A 150 -13.87 16.85 -5.20
C LYS A 150 -13.67 15.98 -3.98
N LYS A 151 -14.74 15.78 -3.23
CA LYS A 151 -14.64 14.99 -2.02
C LYS A 151 -15.16 13.59 -2.28
N VAL A 152 -15.25 13.25 -3.56
CA VAL A 152 -15.52 11.89 -3.98
C VAL A 152 -14.36 11.02 -3.49
N PHE A 153 -13.28 11.67 -3.06
CA PHE A 153 -12.08 10.98 -2.62
C PHE A 153 -12.31 10.15 -1.36
N TYR A 154 -13.12 10.67 -0.45
CA TYR A 154 -13.43 9.96 0.79
C TYR A 154 -14.61 9.00 0.60
N ILE A 155 -15.32 9.16 -0.51
CA ILE A 155 -16.37 8.23 -0.88
C ILE A 155 -15.74 6.94 -1.38
N ASN A 156 -14.86 7.08 -2.37
CA ASN A 156 -14.14 5.95 -2.93
C ASN A 156 -13.17 5.34 -1.92
N GLU A 157 -12.72 6.17 -0.98
CA GLU A 157 -11.83 5.71 0.08
C GLU A 157 -12.52 4.69 0.99
N ILE A 158 -13.85 4.71 0.98
CA ILE A 158 -14.65 3.82 1.82
C ILE A 158 -15.08 2.56 1.09
N ILE A 159 -15.45 2.72 -0.18
CA ILE A 159 -16.08 1.65 -0.94
C ILE A 159 -15.13 0.97 -1.92
N TRP A 160 -13.86 1.39 -1.91
CA TRP A 160 -12.88 0.83 -2.82
C TRP A 160 -12.70 -0.67 -2.58
N ASP A 161 -12.59 -1.05 -1.31
CA ASP A 161 -12.40 -2.45 -0.94
C ASP A 161 -13.64 -3.27 -1.29
N LEU A 162 -14.76 -2.58 -1.45
CA LEU A 162 -16.03 -3.23 -1.77
C LEU A 162 -16.26 -3.32 -3.27
N TYR A 163 -15.79 -2.32 -4.00
CA TYR A 163 -15.87 -2.33 -5.46
C TYR A 163 -14.89 -3.35 -6.04
N LYS A 164 -13.63 -3.29 -5.61
CA LYS A 164 -12.62 -4.24 -6.05
C LYS A 164 -12.65 -5.50 -5.18
N LEU A 165 -12.81 -6.65 -5.82
CA LEU A 165 -12.88 -7.92 -5.10
C LEU A 165 -11.52 -8.37 -4.59
N ARG A 166 -11.33 -8.34 -3.28
CA ARG A 166 -10.12 -8.86 -2.67
C ARG A 166 -10.38 -10.27 -2.15
N TRP A 167 -9.78 -11.25 -2.82
CA TRP A 167 -9.95 -12.65 -2.42
C TRP A 167 -8.89 -13.05 -1.40
N THR A 168 -9.32 -13.71 -0.32
CA THR A 168 -8.37 -14.31 0.61
C THR A 168 -7.89 -15.63 0.03
N SER A 169 -6.82 -16.17 0.60
CA SER A 169 -6.28 -17.45 0.14
C SER A 169 -7.31 -18.57 0.23
N SER A 170 -8.07 -18.58 1.33
CA SER A 170 -9.07 -19.63 1.54
C SER A 170 -10.25 -19.46 0.59
N GLU A 171 -10.58 -18.23 0.26
CA GLU A 171 -11.64 -17.95 -0.70
C GLU A 171 -11.21 -18.41 -2.10
N VAL A 172 -9.93 -18.24 -2.40
CA VAL A 172 -9.38 -18.68 -3.68
C VAL A 172 -9.37 -20.21 -3.77
N LEU A 173 -8.84 -20.85 -2.74
CA LEU A 173 -8.83 -22.31 -2.67
C LEU A 173 -10.24 -22.87 -2.75
N ALA A 174 -11.17 -22.25 -2.05
CA ALA A 174 -12.57 -22.66 -2.09
C ALA A 174 -13.15 -22.42 -3.48
N GLY A 175 -12.60 -21.43 -4.18
CA GLY A 175 -13.05 -21.10 -5.52
C GLY A 175 -14.31 -20.27 -5.56
N LYS A 176 -14.78 -19.81 -4.40
CA LYS A 176 -15.97 -18.97 -4.33
C LYS A 176 -15.86 -17.91 -3.24
N LYS A 177 -16.63 -16.84 -3.40
CA LYS A 177 -16.61 -15.71 -2.47
C LYS A 177 -18.03 -15.19 -2.23
N ILE A 178 -18.34 -14.88 -0.98
CA ILE A 178 -19.63 -14.28 -0.65
C ILE A 178 -19.49 -12.77 -0.51
N LEU A 179 -20.30 -12.03 -1.26
CA LEU A 179 -20.28 -10.58 -1.20
C LEU A 179 -21.31 -10.05 -0.21
N ARG A 180 -21.26 -8.74 0.05
CA ARG A 180 -22.23 -8.09 0.91
C ARG A 180 -23.65 -8.46 0.47
N GLY A 181 -24.56 -8.61 1.43
CA GLY A 181 -25.94 -8.92 1.13
C GLY A 181 -26.18 -10.40 0.87
N GLY A 182 -25.09 -11.17 0.83
CA GLY A 182 -25.18 -12.60 0.63
C GLY A 182 -25.05 -13.04 -0.82
N ILE A 183 -24.63 -12.11 -1.69
CA ILE A 183 -24.44 -12.42 -3.11
C ILE A 183 -23.26 -13.37 -3.31
N GLU A 184 -23.48 -14.43 -4.06
CA GLU A 184 -22.45 -15.44 -4.32
C GLU A 184 -21.67 -15.14 -5.60
N VAL A 185 -20.37 -15.42 -5.59
CA VAL A 185 -19.54 -15.20 -6.77
C VAL A 185 -18.44 -16.26 -6.85
N SER A 186 -18.07 -16.64 -8.07
CA SER A 186 -17.08 -17.69 -8.26
C SER A 186 -15.82 -17.14 -8.94
N PHE A 187 -14.67 -17.69 -8.54
CA PHE A 187 -13.38 -17.16 -8.97
C PHE A 187 -13.13 -17.38 -10.46
N GLN A 188 -13.55 -18.53 -10.97
CA GLN A 188 -13.37 -18.82 -12.39
C GLN A 188 -14.09 -17.79 -13.27
N ASP A 189 -15.29 -17.39 -12.86
CA ASP A 189 -16.05 -16.40 -13.60
C ASP A 189 -15.26 -15.09 -13.67
N VAL A 190 -14.70 -14.71 -12.53
CA VAL A 190 -13.96 -13.45 -12.42
C VAL A 190 -12.72 -13.40 -13.33
N VAL A 191 -11.94 -14.48 -13.35
CA VAL A 191 -10.76 -14.52 -14.21
C VAL A 191 -11.15 -14.48 -15.71
N LYS A 192 -12.29 -15.08 -16.04
CA LYS A 192 -12.75 -15.11 -17.42
C LYS A 192 -13.18 -13.73 -17.89
N ASN A 193 -13.68 -12.92 -16.96
CA ASN A 193 -14.16 -11.59 -17.29
C ASN A 193 -13.13 -10.50 -17.07
N ASN A 194 -11.90 -10.89 -16.75
CA ASN A 194 -10.85 -9.91 -16.47
C ASN A 194 -9.55 -10.24 -17.19
N SER A 195 -8.67 -9.26 -17.29
CA SER A 195 -7.41 -9.44 -18.01
C SER A 195 -6.21 -9.50 -17.07
N ILE A 196 -6.40 -9.02 -15.84
CA ILE A 196 -5.32 -8.96 -14.87
C ILE A 196 -5.80 -9.25 -13.45
N LEU A 197 -4.91 -9.86 -12.65
CA LEU A 197 -5.16 -10.02 -11.22
C LEU A 197 -3.94 -9.55 -10.44
N LEU A 198 -4.17 -9.13 -9.20
CA LEU A 198 -3.08 -8.61 -8.36
C LEU A 198 -2.84 -9.54 -7.18
N LEU A 199 -1.58 -9.97 -7.04
CA LEU A 199 -1.17 -10.75 -5.88
C LEU A 199 -0.56 -9.84 -4.83
N GLN A 200 -1.18 -9.75 -3.66
CA GLN A 200 -0.65 -8.91 -2.59
C GLN A 200 0.04 -9.72 -1.52
N TYR A 201 1.36 -9.73 -1.57
CA TYR A 201 2.16 -10.51 -0.63
C TYR A 201 2.69 -9.63 0.49
N PHE A 202 2.99 -10.26 1.62
CA PHE A 202 3.91 -9.69 2.58
C PHE A 202 5.02 -10.70 2.84
N VAL A 203 6.26 -10.23 2.77
CA VAL A 203 7.40 -11.11 2.82
C VAL A 203 8.37 -10.65 3.89
N LYS A 204 8.72 -11.54 4.81
CA LYS A 204 9.72 -11.20 5.80
C LYS A 204 11.09 -11.31 5.16
N ILE A 205 11.65 -10.17 4.80
CA ILE A 205 12.97 -10.15 4.16
C ILE A 205 14.05 -10.31 5.21
N GLU A 206 14.05 -9.41 6.21
CA GLU A 206 14.96 -9.53 7.34
C GLU A 206 14.22 -9.51 8.67
N TYR A 207 14.11 -8.32 9.28
CA TYR A 207 13.51 -8.18 10.60
C TYR A 207 11.99 -8.03 10.62
N TYR A 208 11.40 -7.69 9.48
CA TYR A 208 9.96 -7.47 9.40
C TYR A 208 9.41 -7.60 7.98
N PRO A 209 8.08 -7.73 7.83
CA PRO A 209 7.42 -7.96 6.53
C PRO A 209 7.48 -6.77 5.57
N ILE A 210 7.61 -7.07 4.29
CA ILE A 210 7.65 -6.08 3.23
C ILE A 210 6.61 -6.45 2.17
N GLY A 211 5.88 -5.45 1.68
CA GLY A 211 4.85 -5.69 0.69
C GLY A 211 5.44 -5.98 -0.68
N PHE A 212 4.93 -7.03 -1.31
CA PHE A 212 5.24 -7.33 -2.71
C PHE A 212 3.93 -7.37 -3.47
N ASP A 213 3.72 -6.40 -4.36
CA ASP A 213 2.53 -6.39 -5.20
C ASP A 213 2.87 -6.85 -6.62
N ILE A 214 2.28 -7.97 -7.03
CA ILE A 214 2.52 -8.53 -8.35
C ILE A 214 1.28 -8.46 -9.24
N ALA A 215 1.33 -7.57 -10.24
CA ALA A 215 0.26 -7.46 -11.21
C ALA A 215 0.41 -8.53 -12.28
N VAL A 216 -0.49 -9.50 -12.29
CA VAL A 216 -0.40 -10.61 -13.22
C VAL A 216 -1.34 -10.41 -14.41
N ARG A 217 -0.76 -10.13 -15.57
CA ARG A 217 -1.53 -9.98 -16.80
C ARG A 217 -1.59 -11.30 -17.55
N TYR A 218 -2.77 -11.90 -17.59
CA TYR A 218 -2.94 -13.21 -18.22
C TYR A 218 -3.72 -13.14 -19.54
N LYS A 219 -4.05 -11.94 -19.97
CA LYS A 219 -4.64 -11.72 -21.29
C LYS A 219 -3.73 -10.82 -22.14
N PRO A 220 -3.75 -11.02 -23.47
CA PRO A 220 -2.92 -10.22 -24.37
C PRO A 220 -3.19 -8.72 -24.23
N PHE A 232 -1.51 9.52 -10.26
CA PHE A 232 -2.50 10.03 -11.21
C PHE A 232 -3.34 11.16 -10.60
N TYR A 233 -4.03 10.84 -9.51
CA TYR A 233 -4.83 11.81 -8.79
C TYR A 233 -3.97 12.56 -7.79
N GLN A 234 -2.96 11.87 -7.28
CA GLN A 234 -2.04 12.44 -6.31
C GLN A 234 -0.99 13.34 -6.96
N LEU A 235 -1.17 13.61 -8.25
CA LEU A 235 -0.24 14.48 -8.99
C LEU A 235 -0.77 15.90 -9.12
N LYS A 236 -1.91 16.18 -8.50
CA LYS A 236 -2.51 17.51 -8.55
C LYS A 236 -2.37 18.22 -7.22
N LEU A 237 -1.71 19.38 -7.22
CA LEU A 237 -1.50 20.15 -5.99
C LEU A 237 -2.81 20.68 -5.44
N ALA A 238 -3.82 20.77 -6.30
CA ALA A 238 -5.13 21.27 -5.90
C ALA A 238 -5.80 20.32 -4.90
N ASN A 239 -5.50 19.03 -5.02
CA ASN A 239 -6.14 18.03 -4.16
C ASN A 239 -5.41 17.84 -2.82
N TYR A 240 -4.55 18.78 -2.49
CA TYR A 240 -3.81 18.73 -1.22
C TYR A 240 -4.18 19.89 -0.33
N SER A 241 -4.31 19.61 0.97
CA SER A 241 -4.54 20.65 1.95
C SER A 241 -3.22 21.37 2.21
N LYS A 242 -2.40 20.79 3.07
CA LYS A 242 -1.07 21.32 3.35
C LYS A 242 -0.09 20.22 3.77
N GLU A 243 -0.26 19.03 3.19
CA GLU A 243 0.69 17.95 3.38
C GLU A 243 1.94 18.21 2.54
N TYR A 244 2.80 19.08 3.06
CA TYR A 244 3.90 19.64 2.27
C TYR A 244 4.93 18.62 1.78
N TYR A 245 5.08 17.52 2.52
CA TYR A 245 5.99 16.46 2.10
C TYR A 245 5.46 15.74 0.87
N PHE A 246 4.18 15.39 0.90
CA PHE A 246 3.57 14.67 -0.20
C PHE A 246 3.29 15.56 -1.41
N MET A 247 3.26 16.87 -1.17
CA MET A 247 3.08 17.84 -2.25
C MET A 247 4.37 18.02 -3.05
N LEU A 248 5.48 17.48 -2.53
CA LEU A 248 6.74 17.48 -3.27
C LEU A 248 6.69 16.48 -4.42
N PHE A 249 5.85 15.45 -4.27
CA PHE A 249 5.74 14.40 -5.29
C PHE A 249 5.20 14.92 -6.62
N PRO A 250 4.16 15.77 -6.59
CA PRO A 250 3.75 16.41 -7.84
C PRO A 250 4.88 17.27 -8.42
N LEU A 251 5.62 17.96 -7.55
CA LEU A 251 6.73 18.80 -8.00
C LEU A 251 7.82 17.96 -8.66
N ARG A 252 8.11 16.79 -8.09
CA ARG A 252 9.12 15.91 -8.66
C ARG A 252 8.71 15.46 -10.05
N PHE A 253 7.43 15.20 -10.24
CA PHE A 253 6.92 14.84 -11.55
C PHE A 253 7.07 16.01 -12.51
N TYR A 254 6.73 17.20 -12.04
CA TYR A 254 6.82 18.41 -12.88
C TYR A 254 8.24 18.63 -13.38
N PHE A 255 9.22 18.42 -12.50
CA PHE A 255 10.62 18.68 -12.82
C PHE A 255 11.38 17.42 -13.22
N LYS A 256 10.67 16.37 -13.59
CA LYS A 256 11.32 15.08 -13.84
C LYS A 256 12.40 15.17 -14.92
N ASN A 257 12.20 16.06 -15.89
CA ASN A 257 13.13 16.19 -17.01
C ASN A 257 14.15 17.30 -16.81
N ASP A 258 14.16 17.89 -15.62
CA ASP A 258 15.20 18.85 -15.26
C ASP A 258 16.19 18.14 -14.34
N PRO A 259 17.40 17.87 -14.84
CA PRO A 259 18.37 17.07 -14.09
C PRO A 259 18.67 17.66 -12.71
N THR A 260 19.13 18.90 -12.68
CA THR A 260 19.54 19.54 -11.43
C THR A 260 18.44 19.50 -10.37
N ILE A 261 17.22 19.89 -10.75
CA ILE A 261 16.12 19.98 -9.80
C ILE A 261 15.57 18.60 -9.42
N SER A 262 15.57 17.67 -10.36
CA SER A 262 15.07 16.32 -10.08
C SER A 262 15.99 15.58 -9.11
N LYS A 263 17.30 15.82 -9.23
CA LYS A 263 18.26 15.26 -8.28
C LYS A 263 18.03 15.80 -6.88
N GLN A 264 17.78 17.10 -6.77
CA GLN A 264 17.57 17.72 -5.48
C GLN A 264 16.28 17.22 -4.85
N LEU A 265 15.23 17.13 -5.63
CA LEU A 265 13.94 16.64 -5.12
C LEU A 265 14.03 15.17 -4.73
N GLU A 266 14.74 14.38 -5.52
CA GLU A 266 14.93 12.97 -5.21
C GLU A 266 15.68 12.81 -3.89
N TYR A 267 16.71 13.64 -3.70
CA TYR A 267 17.47 13.61 -2.46
C TYR A 267 16.59 13.96 -1.27
N ILE A 268 15.82 15.03 -1.40
CA ILE A 268 14.96 15.50 -0.32
C ILE A 268 13.91 14.46 0.07
N ILE A 269 13.21 13.95 -0.93
CA ILE A 269 12.13 12.99 -0.72
C ILE A 269 12.65 11.65 -0.22
N GLU A 270 13.69 11.13 -0.87
CA GLU A 270 14.13 9.75 -0.65
C GLU A 270 15.27 9.57 0.36
N THR A 271 16.08 10.62 0.56
CA THR A 271 17.19 10.50 1.50
C THR A 271 16.97 11.31 2.77
N LYS A 272 16.79 12.62 2.62
CA LYS A 272 16.59 13.48 3.77
C LYS A 272 15.36 13.07 4.58
N PHE A 273 14.26 12.78 3.89
CA PHE A 273 13.02 12.41 4.57
C PHE A 273 12.62 10.96 4.28
N GLY A 274 13.55 10.21 3.71
CA GLY A 274 13.29 8.83 3.36
C GLY A 274 12.74 7.96 4.49
N LEU A 275 13.28 8.13 5.69
CA LEU A 275 12.90 7.29 6.83
C LEU A 275 11.49 7.62 7.33
N TYR A 276 11.10 8.89 7.23
CA TYR A 276 9.74 9.29 7.57
C TYR A 276 8.72 8.55 6.71
N LYS A 277 9.01 8.45 5.41
CA LYS A 277 8.11 7.77 4.49
C LYS A 277 8.09 6.27 4.73
N GLN A 278 9.25 5.70 5.01
CA GLN A 278 9.36 4.26 5.22
C GLN A 278 8.59 3.83 6.46
N LEU A 279 8.69 4.62 7.52
CA LEU A 279 7.97 4.34 8.76
C LEU A 279 6.46 4.42 8.59
N LEU A 280 5.99 5.32 7.73
CA LEU A 280 4.57 5.43 7.44
C LEU A 280 4.07 4.15 6.73
N VAL A 281 4.84 3.72 5.73
CA VAL A 281 4.52 2.48 5.01
C VAL A 281 4.57 1.27 5.93
N ARG A 282 5.52 1.26 6.85
CA ARG A 282 5.70 0.13 7.76
C ARG A 282 4.53 0.05 8.75
N ILE A 283 4.01 1.20 9.14
CA ILE A 283 2.81 1.25 9.98
C ILE A 283 1.57 0.80 9.18
N ASP A 284 1.51 1.19 7.90
CA ASP A 284 0.45 0.70 7.02
C ASP A 284 0.49 -0.84 6.88
N SER A 285 1.69 -1.40 6.87
CA SER A 285 1.86 -2.86 6.81
C SER A 285 1.25 -3.55 8.03
N TYR A 286 1.50 -3.01 9.21
CA TYR A 286 0.89 -3.50 10.43
C TYR A 286 -0.63 -3.49 10.29
N ARG A 287 -1.17 -2.32 9.95
CA ARG A 287 -2.62 -2.15 9.78
C ARG A 287 -3.23 -3.11 8.78
N THR A 288 -2.63 -3.18 7.60
CA THR A 288 -3.14 -4.03 6.52
C THR A 288 -3.15 -5.49 6.92
N ILE A 289 -2.03 -5.97 7.46
CA ILE A 289 -1.94 -7.37 7.87
C ILE A 289 -2.92 -7.65 9.01
N TYR A 290 -2.98 -6.74 9.98
CA TYR A 290 -3.90 -6.86 11.11
C TYR A 290 -5.37 -6.91 10.65
N GLU A 291 -5.77 -5.95 9.83
CA GLU A 291 -7.16 -5.88 9.38
C GLU A 291 -7.57 -7.12 8.59
N SER A 292 -6.63 -7.73 7.90
CA SER A 292 -6.90 -8.94 7.12
C SER A 292 -7.08 -10.16 8.01
N GLY A 293 -6.65 -10.05 9.27
CA GLY A 293 -6.74 -11.15 10.20
C GLY A 293 -5.59 -12.13 10.07
N ASN A 294 -4.39 -11.62 9.83
CA ASN A 294 -3.22 -12.48 9.65
C ASN A 294 -1.99 -12.03 10.44
N LEU A 295 -2.16 -11.04 11.32
CA LEU A 295 -1.06 -10.60 12.16
C LEU A 295 -1.00 -11.40 13.45
N ASP A 296 0.04 -12.22 13.60
CA ASP A 296 0.26 -12.91 14.86
C ASP A 296 1.14 -12.06 15.78
N LEU A 297 1.21 -12.44 17.05
CA LEU A 297 1.92 -11.64 18.04
C LEU A 297 3.39 -11.46 17.65
N ASP A 298 4.03 -12.56 17.25
CA ASP A 298 5.43 -12.55 16.90
C ASP A 298 5.74 -11.55 15.78
N THR A 299 4.85 -11.44 14.80
CA THR A 299 5.06 -10.51 13.70
C THR A 299 4.78 -9.08 14.16
N ALA A 300 3.72 -8.91 14.94
CA ALA A 300 3.38 -7.59 15.48
C ALA A 300 4.54 -7.05 16.32
N LYS A 301 5.13 -7.93 17.13
CA LYS A 301 6.24 -7.55 17.98
C LYS A 301 7.46 -7.16 17.18
N SER A 302 7.78 -7.92 16.14
CA SER A 302 8.94 -7.63 15.32
C SER A 302 8.79 -6.24 14.68
N ILE A 303 7.58 -5.94 14.21
CA ILE A 303 7.30 -4.64 13.60
C ILE A 303 7.45 -3.52 14.62
N ILE A 304 6.83 -3.68 15.78
CA ILE A 304 6.88 -2.69 16.85
C ILE A 304 8.31 -2.43 17.33
N ILE A 305 9.08 -3.50 17.47
CA ILE A 305 10.48 -3.37 17.87
C ILE A 305 11.30 -2.57 16.86
N SER A 306 11.10 -2.85 15.57
CA SER A 306 11.84 -2.15 14.53
C SER A 306 11.47 -0.68 14.50
N ILE A 307 10.22 -0.38 14.80
CA ILE A 307 9.73 1.01 14.75
C ILE A 307 10.26 1.83 15.93
N ILE A 308 10.29 1.22 17.10
CA ILE A 308 10.82 1.87 18.30
C ILE A 308 12.27 2.28 18.10
N LYS A 309 13.08 1.39 17.53
CA LYS A 309 14.47 1.68 17.25
C LYS A 309 14.65 2.84 16.26
N ASP A 310 13.91 2.78 15.15
CA ASP A 310 14.11 3.73 14.05
C ASP A 310 13.48 5.10 14.28
N ILE A 311 12.42 5.14 15.09
CA ILE A 311 11.71 6.38 15.35
C ILE A 311 12.61 7.43 16.00
N ARG A 312 13.66 6.96 16.68
CA ARG A 312 14.58 7.83 17.40
C ARG A 312 15.49 8.60 16.44
N LYS A 313 15.55 8.14 15.20
CA LYS A 313 16.36 8.79 14.18
C LYS A 313 15.63 10.00 13.60
N LEU A 314 14.33 10.06 13.81
CA LEU A 314 13.50 11.15 13.31
C LEU A 314 13.60 12.39 14.20
N ASN A 315 13.04 13.49 13.72
CA ASN A 315 13.01 14.74 14.49
C ASN A 315 11.59 15.28 14.61
N GLY A 316 11.26 15.82 15.77
CA GLY A 316 9.96 16.42 16.00
C GLY A 316 8.88 15.44 16.44
N ILE A 317 9.29 14.26 16.86
CA ILE A 317 8.34 13.21 17.24
C ILE A 317 8.00 13.29 18.72
N ASP A 318 6.70 13.20 19.03
CA ASP A 318 6.25 13.13 20.41
C ASP A 318 6.64 11.78 21.00
N MET A 319 7.80 11.73 21.65
CA MET A 319 8.32 10.47 22.19
C MET A 319 7.48 9.89 23.32
N ASN A 320 6.46 10.63 23.77
CA ASN A 320 5.52 10.10 24.74
C ASN A 320 4.71 8.95 24.16
N ILE A 321 4.45 9.02 22.85
CA ILE A 321 3.76 7.95 22.14
C ILE A 321 4.58 6.67 22.25
N ILE A 322 5.89 6.79 22.13
CA ILE A 322 6.81 5.66 22.23
C ILE A 322 6.78 5.05 23.63
N ASP A 323 6.80 5.90 24.66
CA ASP A 323 6.73 5.41 26.04
C ASP A 323 5.41 4.66 26.29
N LYS A 324 4.31 5.17 25.73
CA LYS A 324 3.02 4.50 25.84
C LYS A 324 3.04 3.12 25.18
N ILE A 325 3.80 3.00 24.11
CA ILE A 325 3.92 1.72 23.40
C ILE A 325 4.70 0.71 24.23
N GLN A 326 5.72 1.19 24.93
CA GLN A 326 6.52 0.33 25.80
C GLN A 326 5.69 -0.18 26.98
N GLU A 327 4.88 0.70 27.57
CA GLU A 327 4.03 0.30 28.69
C GLU A 327 2.96 -0.72 28.28
N VAL A 328 2.54 -0.69 27.01
CA VAL A 328 1.66 -1.73 26.51
C VAL A 328 2.40 -3.05 26.50
N SER A 329 3.60 -3.04 25.93
CA SER A 329 4.43 -4.24 25.83
C SER A 329 4.74 -4.84 27.19
N ASN A 330 4.34 -4.15 28.25
CA ASN A 330 4.65 -4.59 29.60
C ASN A 330 3.44 -5.10 30.38
N ASN A 331 2.30 -4.44 30.23
CA ASN A 331 1.12 -4.78 31.01
C ASN A 331 -0.09 -5.28 30.21
N SER A 332 0.12 -5.57 28.93
CA SER A 332 -0.88 -6.25 28.12
C SER A 332 -0.31 -7.57 27.65
N ALA A 333 -1.17 -8.43 27.12
CA ALA A 333 -0.72 -9.72 26.62
C ALA A 333 -1.52 -10.17 25.41
N GLY A 334 -0.89 -10.97 24.55
CA GLY A 334 -1.58 -11.57 23.43
C GLY A 334 -2.27 -10.56 22.53
N GLN A 335 -3.52 -10.87 22.17
CA GLN A 335 -4.29 -10.07 21.23
C GLN A 335 -4.56 -8.64 21.73
N ASP A 336 -4.78 -8.48 23.02
CA ASP A 336 -5.00 -7.16 23.60
C ASP A 336 -3.80 -6.25 23.32
N LYS A 337 -2.61 -6.84 23.40
CA LYS A 337 -1.38 -6.12 23.08
C LYS A 337 -1.34 -5.67 21.61
N ILE A 338 -1.70 -6.58 20.71
CA ILE A 338 -1.72 -6.28 19.27
C ILE A 338 -2.65 -5.12 18.96
N ILE A 339 -3.83 -5.16 19.57
CA ILE A 339 -4.85 -4.12 19.43
C ILE A 339 -4.40 -2.77 19.99
N ALA A 340 -3.89 -2.77 21.22
CA ALA A 340 -3.41 -1.55 21.86
C ALA A 340 -2.31 -0.91 21.03
N TRP A 341 -1.39 -1.74 20.53
CA TRP A 341 -0.34 -1.26 19.63
C TRP A 341 -0.93 -0.63 18.37
N ASN A 342 -1.91 -1.29 17.79
CA ASN A 342 -2.53 -0.78 16.55
C ASN A 342 -3.08 0.62 16.81
N THR A 343 -3.77 0.79 17.93
CA THR A 343 -4.31 2.08 18.33
C THR A 343 -3.21 3.14 18.48
N LEU A 344 -2.13 2.78 19.15
CA LEU A 344 -1.03 3.72 19.36
C LEU A 344 -0.24 4.03 18.08
N LEU A 345 -0.18 3.07 17.17
CA LEU A 345 0.51 3.30 15.90
C LEU A 345 -0.25 4.33 15.06
N THR A 346 -1.53 4.48 15.34
CA THR A 346 -2.35 5.47 14.64
C THR A 346 -1.97 6.89 15.05
N GLN A 347 -1.76 7.11 16.35
CA GLN A 347 -1.28 8.38 16.84
C GLN A 347 0.10 8.67 16.27
N LEU A 348 0.96 7.67 16.30
CA LEU A 348 2.32 7.79 15.78
C LEU A 348 2.31 8.15 14.30
N TYR A 349 1.40 7.51 13.56
CA TYR A 349 1.25 7.76 12.14
C TYR A 349 0.95 9.24 11.91
N THR A 350 -0.02 9.75 12.66
CA THR A 350 -0.40 11.16 12.60
C THR A 350 0.78 12.06 12.94
N ASN A 351 1.48 11.69 14.00
CA ASN A 351 2.61 12.49 14.47
C ASN A 351 3.72 12.57 13.42
N ILE A 352 4.01 11.43 12.78
CA ILE A 352 5.07 11.39 11.76
C ILE A 352 4.69 12.25 10.57
N ASN A 353 3.44 12.16 10.15
CA ASN A 353 2.94 13.00 9.07
C ASN A 353 3.09 14.48 9.40
N LYS A 354 2.62 14.86 10.57
CA LYS A 354 2.71 16.25 11.01
C LYS A 354 4.15 16.73 10.93
N SER A 355 5.07 15.94 11.47
CA SER A 355 6.47 16.32 11.52
C SER A 355 7.11 16.47 10.13
N VAL A 356 6.93 15.48 9.27
CA VAL A 356 7.58 15.52 7.97
C VAL A 356 7.02 16.64 7.09
N ASN A 357 5.72 16.89 7.21
CA ASN A 357 5.08 17.98 6.50
C ASN A 357 5.63 19.34 6.92
N LYS A 358 5.86 19.49 8.23
CA LYS A 358 6.41 20.73 8.78
C LYS A 358 7.82 20.99 8.25
N GLN A 359 8.65 19.95 8.29
CA GLN A 359 10.03 20.08 7.84
C GLN A 359 10.14 20.18 6.32
N SER A 360 9.02 19.96 5.64
CA SER A 360 9.00 19.93 4.18
C SER A 360 8.49 21.24 3.57
N LYS A 361 7.77 22.03 4.36
CA LYS A 361 7.09 23.21 3.84
C LYS A 361 7.99 24.16 3.06
N LYS A 362 9.22 24.33 3.53
CA LYS A 362 10.16 25.25 2.90
C LYS A 362 10.67 24.74 1.57
N TYR A 363 10.89 23.43 1.48
CA TYR A 363 11.33 22.84 0.22
C TYR A 363 10.20 22.91 -0.81
N PHE A 364 8.96 22.83 -0.33
CA PHE A 364 7.83 23.01 -1.21
C PHE A 364 7.79 24.43 -1.74
N THR A 365 7.71 25.40 -0.83
CA THR A 365 7.64 26.81 -1.20
C THR A 365 8.78 27.21 -2.13
N ARG A 366 9.95 26.65 -1.88
CA ARG A 366 11.13 26.93 -2.71
C ARG A 366 10.95 26.49 -4.16
N TYR A 367 10.50 25.25 -4.35
CA TYR A 367 10.37 24.71 -5.70
C TYR A 367 9.08 25.13 -6.39
N ILE A 368 8.04 25.41 -5.62
CA ILE A 368 6.79 25.90 -6.20
C ILE A 368 7.00 27.32 -6.75
N ASN A 369 7.93 28.06 -6.14
CA ASN A 369 8.25 29.41 -6.60
C ASN A 369 9.13 29.39 -7.85
N ILE A 370 9.62 28.21 -8.20
CA ILE A 370 10.39 28.04 -9.43
C ILE A 370 9.44 27.91 -10.61
N ILE A 371 8.21 27.48 -10.31
CA ILE A 371 7.16 27.38 -11.31
C ILE A 371 6.44 28.72 -11.46
N PRO A 372 6.07 29.09 -12.69
CA PRO A 372 5.33 30.34 -12.94
C PRO A 372 3.93 30.35 -12.34
N LYS A 373 3.58 31.40 -11.60
CA LYS A 373 2.30 31.50 -10.91
C LYS A 373 1.09 31.05 -11.74
N GLU A 374 1.14 31.34 -13.04
CA GLU A 374 0.05 30.97 -13.94
C GLU A 374 -0.07 29.45 -14.06
N ASP A 375 1.07 28.78 -14.08
CA ASP A 375 1.10 27.32 -14.21
C ASP A 375 1.00 26.63 -12.86
N ARG A 376 1.41 27.33 -11.80
CA ARG A 376 1.49 26.71 -10.48
C ARG A 376 0.10 26.44 -9.91
N LYS A 377 -0.91 26.99 -10.56
CA LYS A 377 -2.31 26.77 -10.18
C LYS A 377 -2.73 25.31 -10.34
N LEU A 378 -2.50 24.75 -11.52
CA LEU A 378 -2.96 23.41 -11.84
C LEU A 378 -1.81 22.41 -12.06
N CYS A 379 -0.80 22.47 -11.20
CA CYS A 379 0.26 21.47 -11.26
C CYS A 379 -0.28 20.11 -10.83
N CYS A 380 0.07 19.08 -11.59
CA CYS A 380 0.92 19.23 -12.77
C CYS A 380 0.48 18.34 -13.92
N LEU A 381 -0.59 18.75 -14.62
CA LEU A 381 -1.08 18.01 -15.77
C LEU A 381 -1.84 18.94 -16.72
MN MN B . 5.88 0.81 -4.28
MN MN C . 2.92 -1.33 -3.83
MG MG D . 2.90 -18.58 4.56
#